data_4MTM
#
_entry.id   4MTM
#
_cell.length_a   51.200
_cell.length_b   51.200
_cell.length_c   302.030
_cell.angle_alpha   90.00
_cell.angle_beta   90.00
_cell.angle_gamma   120.00
#
_symmetry.space_group_name_H-M   'H 3 2'
#
loop_
_entity.id
_entity.type
_entity.pdbx_description
1 polymer 'Putative tail fiber protein'
2 non-polymer GLYCEROL
3 non-polymer 'BROMIDE ION'
4 non-polymer 'SODIUM ION'
5 non-polymer 1,2-ETHANEDIOL
6 non-polymer 'SULFITE ION'
7 water water
#
_entity_poly.entity_id   1
_entity_poly.type   'polypeptide(L)'
_entity_poly.pdbx_seq_one_letter_code
;RSLIANNTVNPNNGLGGAWEVYSGQGSIPTATSTTAGITKVLNVLNSNDVGSALSAAQGKVLNDKFNFQNSKNQSGYVRL
GDSGLIIQWGVFTSTKTQSNLIFPLAFPNALLSITGNLNSNTPDVIGIDFDLSTATKTSIKTGAAQVGASWLSGKKISWI
AIGY
;
_entity_poly.pdbx_strand_id   A
#
# COMPACT_ATOMS: atom_id res chain seq x y z
N ILE A 28 -44.15 -26.58 -6.74
CA ILE A 28 -42.84 -26.33 -7.36
C ILE A 28 -41.70 -26.48 -6.36
N PRO A 29 -40.73 -27.36 -6.62
CA PRO A 29 -39.68 -27.59 -5.63
C PRO A 29 -38.82 -26.36 -5.28
N THR A 30 -38.36 -26.26 -4.04
CA THR A 30 -37.43 -25.23 -3.59
C THR A 30 -35.99 -25.68 -3.84
N ALA A 31 -35.17 -24.78 -4.38
CA ALA A 31 -33.77 -25.12 -4.65
C ALA A 31 -33.02 -25.46 -3.38
N THR A 32 -32.23 -26.53 -3.45
CA THR A 32 -31.24 -26.85 -2.41
C THR A 32 -29.97 -27.32 -3.09
N SER A 33 -29.04 -27.84 -2.31
CA SER A 33 -27.82 -28.35 -2.92
CA SER A 33 -27.80 -28.42 -2.83
C SER A 33 -28.05 -29.69 -3.60
N THR A 34 -29.17 -30.36 -3.29
CA THR A 34 -29.43 -31.70 -3.81
C THR A 34 -30.61 -31.78 -4.78
N THR A 35 -31.44 -30.73 -4.80
CA THR A 35 -32.65 -30.72 -5.60
C THR A 35 -32.75 -29.40 -6.35
N ALA A 36 -32.98 -29.47 -7.65
CA ALA A 36 -33.18 -28.24 -8.41
C ALA A 36 -34.58 -27.70 -8.15
N GLY A 37 -34.68 -26.39 -8.00
CA GLY A 37 -35.96 -25.76 -7.75
C GLY A 37 -35.91 -24.27 -7.95
N ILE A 38 -36.91 -23.59 -7.43
CA ILE A 38 -36.95 -22.15 -7.51
C ILE A 38 -36.10 -21.53 -6.39
N THR A 39 -35.60 -20.34 -6.64
CA THR A 39 -34.70 -19.67 -5.72
C THR A 39 -34.82 -18.17 -5.84
N LYS A 40 -34.51 -17.47 -4.76
CA LYS A 40 -34.23 -16.04 -4.86
C LYS A 40 -32.83 -15.84 -5.47
N VAL A 41 -32.59 -14.65 -6.00
CA VAL A 41 -31.28 -14.22 -6.46
C VAL A 41 -30.94 -12.96 -5.68
N LEU A 42 -29.91 -13.02 -4.84
CA LEU A 42 -29.53 -11.93 -3.96
C LEU A 42 -28.38 -11.14 -4.55
N ASN A 43 -28.46 -9.82 -4.48
CA ASN A 43 -27.48 -8.97 -5.14
C ASN A 43 -26.61 -8.23 -4.11
N VAL A 44 -26.17 -8.96 -3.08
CA VAL A 44 -25.29 -8.41 -2.05
C VAL A 44 -24.20 -9.41 -1.72
N LEU A 45 -23.17 -8.92 -1.03
CA LEU A 45 -22.03 -9.72 -0.63
C LEU A 45 -21.96 -9.90 0.89
N ASN A 46 -23.03 -9.56 1.58
CA ASN A 46 -23.07 -9.72 3.03
C ASN A 46 -24.27 -10.52 3.51
N SER A 47 -24.76 -11.45 2.69
CA SER A 47 -25.80 -12.39 3.09
C SER A 47 -25.23 -13.77 3.30
N ASN A 48 -25.53 -14.38 4.44
CA ASN A 48 -25.12 -15.75 4.72
C ASN A 48 -26.20 -16.79 4.42
N ASP A 49 -27.16 -16.43 3.56
CA ASP A 49 -28.22 -17.34 3.11
C ASP A 49 -27.62 -18.43 2.21
N VAL A 50 -27.64 -19.67 2.70
CA VAL A 50 -27.06 -20.79 1.98
C VAL A 50 -28.00 -21.35 0.91
N GLY A 51 -29.26 -20.92 0.94
CA GLY A 51 -30.32 -21.47 0.12
C GLY A 51 -30.86 -20.55 -0.98
N SER A 52 -30.23 -19.41 -1.17
CA SER A 52 -30.53 -18.51 -2.27
C SER A 52 -29.28 -18.30 -3.09
N ALA A 53 -29.44 -17.97 -4.37
CA ALA A 53 -28.32 -17.75 -5.27
C ALA A 53 -27.70 -16.38 -5.10
N LEU A 54 -26.39 -16.30 -5.35
CA LEU A 54 -25.73 -15.02 -5.56
C LEU A 54 -25.98 -14.58 -7.00
N SER A 55 -26.17 -13.29 -7.21
CA SER A 55 -26.30 -12.76 -8.55
C SER A 55 -24.99 -12.80 -9.32
N ALA A 56 -25.13 -12.89 -10.63
CA ALA A 56 -23.98 -12.79 -11.51
C ALA A 56 -23.29 -11.46 -11.30
N ALA A 57 -24.07 -10.40 -11.08
CA ALA A 57 -23.51 -9.07 -10.84
C ALA A 57 -22.54 -9.04 -9.68
N GLN A 58 -22.86 -9.74 -8.60
CA GLN A 58 -21.95 -9.77 -7.47
C GLN A 58 -20.73 -10.64 -7.72
N GLY A 59 -20.84 -11.64 -8.59
CA GLY A 59 -19.64 -12.32 -9.08
C GLY A 59 -18.70 -11.34 -9.77
N LYS A 60 -19.25 -10.44 -10.58
CA LYS A 60 -18.45 -9.42 -11.23
C LYS A 60 -17.82 -8.47 -10.22
N VAL A 61 -18.60 -8.03 -9.24
CA VAL A 61 -18.05 -7.17 -8.17
C VAL A 61 -16.86 -7.86 -7.50
N LEU A 62 -17.02 -9.13 -7.15
CA LEU A 62 -15.94 -9.86 -6.52
C LEU A 62 -14.71 -9.95 -7.44
N ASN A 63 -14.93 -10.24 -8.71
CA ASN A 63 -13.81 -10.36 -9.63
C ASN A 63 -13.07 -9.03 -9.70
N ASP A 64 -13.83 -7.96 -9.78
CA ASP A 64 -13.25 -6.62 -9.92
C ASP A 64 -12.49 -6.21 -8.65
N LYS A 65 -12.87 -6.77 -7.50
CA LYS A 65 -12.16 -6.49 -6.25
C LYS A 65 -10.72 -7.00 -6.26
N PHE A 66 -10.39 -7.96 -7.11
CA PHE A 66 -8.99 -8.39 -7.23
C PHE A 66 -8.10 -7.28 -7.81
N ASN A 67 -8.69 -6.29 -8.46
CA ASN A 67 -7.92 -5.17 -8.97
CA ASN A 67 -7.93 -5.16 -8.97
C ASN A 67 -7.79 -4.15 -7.85
N PHE A 68 -6.85 -4.44 -6.94
CA PHE A 68 -6.74 -3.65 -5.72
C PHE A 68 -6.45 -2.19 -6.05
N GLN A 69 -7.02 -1.30 -5.26
CA GLN A 69 -6.78 0.12 -5.45
CA GLN A 69 -6.78 0.12 -5.46
C GLN A 69 -5.30 0.41 -5.34
N ASN A 70 -4.81 1.23 -6.25
CA ASN A 70 -3.39 1.45 -6.35
C ASN A 70 -3.09 2.69 -7.19
N SER A 71 -1.84 3.13 -7.11
CA SER A 71 -1.27 4.09 -8.06
C SER A 71 0.08 3.57 -8.53
N LYS A 72 0.27 3.59 -9.85
CA LYS A 72 1.50 3.18 -10.53
C LYS A 72 2.48 4.35 -10.69
N ASN A 73 2.22 5.48 -10.04
CA ASN A 73 3.14 6.61 -10.12
C ASN A 73 4.53 6.21 -9.59
N GLN A 74 5.55 6.98 -9.96
CA GLN A 74 6.91 6.76 -9.50
C GLN A 74 6.95 6.53 -8.00
N SER A 75 6.25 7.39 -7.28
CA SER A 75 5.93 7.15 -5.87
C SER A 75 4.43 6.81 -5.82
N GLY A 76 4.14 5.57 -5.44
CA GLY A 76 2.80 5.05 -5.54
C GLY A 76 2.43 4.16 -4.37
N TYR A 77 1.33 3.42 -4.52
CA TYR A 77 0.84 2.58 -3.44
C TYR A 77 -0.03 1.46 -4.00
N VAL A 78 -0.27 0.46 -3.15
CA VAL A 78 -1.26 -0.57 -3.44
C VAL A 78 -1.90 -1.02 -2.14
N ARG A 79 -3.23 -1.10 -2.12
CA ARG A 79 -3.95 -1.62 -0.95
C ARG A 79 -3.95 -3.13 -1.05
N LEU A 80 -3.66 -3.79 0.07
CA LEU A 80 -3.65 -5.24 0.09
C LEU A 80 -5.06 -5.76 0.41
N GLY A 81 -5.88 -5.81 -0.62
CA GLY A 81 -7.27 -6.21 -0.47
C GLY A 81 -7.95 -5.38 0.59
N ASP A 82 -8.80 -6.06 1.36
CA ASP A 82 -9.52 -5.45 2.47
C ASP A 82 -8.84 -5.66 3.82
N SER A 83 -7.57 -6.06 3.82
CA SER A 83 -6.83 -6.26 5.06
C SER A 83 -6.56 -4.96 5.80
N GLY A 84 -6.66 -3.82 5.11
CA GLY A 84 -6.27 -2.55 5.67
C GLY A 84 -4.81 -2.17 5.39
N LEU A 85 -3.96 -3.16 5.14
CA LEU A 85 -2.57 -2.87 4.91
C LEU A 85 -2.40 -2.22 3.52
N ILE A 86 -1.48 -1.27 3.47
CA ILE A 86 -1.14 -0.52 2.29
C ILE A 86 0.38 -0.55 2.13
N ILE A 87 0.87 -0.97 0.96
CA ILE A 87 2.28 -0.87 0.62
C ILE A 87 2.46 0.40 -0.20
N GLN A 88 3.49 1.18 0.13
CA GLN A 88 3.84 2.34 -0.66
C GLN A 88 5.29 2.26 -1.08
N TRP A 89 5.66 3.02 -2.10
CA TRP A 89 7.04 3.03 -2.56
C TRP A 89 7.31 4.36 -3.22
N GLY A 90 8.58 4.64 -3.48
CA GLY A 90 8.90 5.84 -4.23
C GLY A 90 10.38 6.10 -4.35
N VAL A 91 10.69 7.24 -4.94
CA VAL A 91 12.03 7.74 -5.04
C VAL A 91 12.04 9.11 -4.39
N PHE A 92 12.80 9.22 -3.32
CA PHE A 92 12.95 10.43 -2.55
C PHE A 92 14.29 11.06 -2.83
N THR A 93 14.34 12.40 -2.94
CA THR A 93 15.59 13.08 -3.10
C THR A 93 15.97 13.77 -1.80
N SER A 94 17.15 13.45 -1.29
CA SER A 94 17.56 14.01 -0.01
C SER A 94 17.87 15.50 -0.09
N THR A 95 17.80 16.15 1.06
CA THR A 95 18.14 17.54 1.20
C THR A 95 19.27 17.68 2.23
N LYS A 96 19.60 18.91 2.61
CA LYS A 96 20.72 19.15 3.52
C LYS A 96 20.42 18.85 4.99
N THR A 97 19.18 18.52 5.31
CA THR A 97 18.81 18.07 6.64
C THR A 97 17.91 16.85 6.48
N GLN A 98 17.64 16.15 7.56
CA GLN A 98 16.67 15.07 7.55
C GLN A 98 15.32 15.70 7.39
N SER A 99 14.66 15.48 6.24
CA SER A 99 13.51 16.27 5.86
C SER A 99 12.36 15.38 5.40
N ASN A 100 11.20 15.99 5.16
CA ASN A 100 10.00 15.20 4.96
C ASN A 100 9.97 14.43 3.65
N LEU A 101 9.80 13.11 3.77
CA LEU A 101 9.39 12.22 2.68
C LEU A 101 7.87 12.15 2.78
N ILE A 102 7.17 12.62 1.75
CA ILE A 102 5.71 12.69 1.76
CA ILE A 102 5.71 12.68 1.76
C ILE A 102 5.13 11.46 1.07
N PHE A 103 4.34 10.69 1.81
CA PHE A 103 3.78 9.46 1.24
C PHE A 103 2.83 9.76 0.09
N PRO A 104 2.86 8.94 -0.96
CA PRO A 104 1.87 9.04 -2.04
C PRO A 104 0.41 9.08 -1.56
N LEU A 105 0.10 8.31 -0.54
CA LEU A 105 -1.23 8.25 0.04
C LEU A 105 -1.07 8.44 1.54
N ALA A 106 -1.84 9.34 2.14
CA ALA A 106 -1.81 9.44 3.59
C ALA A 106 -2.24 8.13 4.21
N PHE A 107 -1.51 7.68 5.23
CA PHE A 107 -1.94 6.48 5.92
C PHE A 107 -3.13 6.83 6.78
N PRO A 108 -4.20 6.02 6.71
CA PRO A 108 -5.34 6.29 7.60
C PRO A 108 -5.00 6.20 9.08
N ASN A 109 -4.06 5.32 9.42
CA ASN A 109 -3.68 5.10 10.82
C ASN A 109 -2.21 5.45 11.06
N ALA A 110 -1.29 4.71 10.43
CA ALA A 110 0.13 4.94 10.63
C ALA A 110 0.97 4.19 9.62
N LEU A 111 2.14 4.73 9.32
CA LEU A 111 3.26 3.95 8.77
C LEU A 111 3.70 2.94 9.82
N LEU A 112 3.91 1.68 9.41
CA LEU A 112 4.41 0.67 10.33
C LEU A 112 5.90 0.35 10.12
N SER A 113 6.36 0.32 8.88
CA SER A 113 7.78 0.06 8.63
C SER A 113 8.15 0.63 7.25
N ILE A 114 9.44 0.96 7.12
CA ILE A 114 9.94 1.51 5.88
C ILE A 114 11.41 1.09 5.73
N THR A 115 11.80 0.91 4.48
CA THR A 115 13.15 0.54 4.11
C THR A 115 13.56 1.36 2.89
N GLY A 116 14.85 1.48 2.62
CA GLY A 116 15.28 2.21 1.45
C GLY A 116 16.77 2.13 1.21
N ASN A 117 17.14 2.38 -0.05
CA ASN A 117 18.51 2.27 -0.51
C ASN A 117 18.90 3.42 -1.39
N LEU A 118 20.19 3.72 -1.36
CA LEU A 118 20.77 4.65 -2.32
C LEU A 118 20.58 4.16 -3.73
N ASN A 119 20.27 5.11 -4.61
CA ASN A 119 20.34 4.87 -6.04
C ASN A 119 21.54 5.63 -6.59
N SER A 120 22.48 4.88 -7.15
CA SER A 120 23.75 5.46 -7.61
CA SER A 120 23.75 5.46 -7.60
C SER A 120 24.38 4.54 -8.63
N ASN A 121 25.33 5.10 -9.39
CA ASN A 121 26.18 4.31 -10.28
C ASN A 121 27.65 4.38 -9.83
N THR A 122 27.85 4.85 -8.60
CA THR A 122 29.17 4.98 -8.01
C THR A 122 29.17 4.28 -6.66
N PRO A 123 30.32 3.75 -6.22
CA PRO A 123 30.37 2.92 -5.00
C PRO A 123 30.38 3.71 -3.71
N ASP A 124 29.24 4.33 -3.42
CA ASP A 124 29.08 5.14 -2.22
C ASP A 124 28.45 4.35 -1.09
N VAL A 125 28.84 4.68 0.13
CA VAL A 125 28.25 4.10 1.32
C VAL A 125 27.58 5.23 2.07
N ILE A 126 26.25 5.25 1.98
CA ILE A 126 25.44 6.31 2.56
CA ILE A 126 25.46 6.31 2.57
C ILE A 126 24.39 5.70 3.49
N GLY A 127 24.19 6.32 4.65
CA GLY A 127 23.25 5.81 5.63
C GLY A 127 21.86 6.34 5.35
N ILE A 128 20.95 5.46 4.96
CA ILE A 128 19.58 5.84 4.66
C ILE A 128 18.79 5.71 5.96
N ASP A 129 18.55 6.86 6.58
CA ASP A 129 18.07 6.92 7.97
C ASP A 129 16.71 7.58 8.04
N PHE A 130 15.77 6.87 8.68
CA PHE A 130 14.39 7.31 8.81
C PHE A 130 14.07 7.59 10.27
N ASP A 131 13.50 8.74 10.58
CA ASP A 131 13.08 9.02 11.97
C ASP A 131 11.67 8.50 12.21
N LEU A 132 11.57 7.20 12.36
CA LEU A 132 10.27 6.58 12.52
C LEU A 132 9.53 7.06 13.77
N SER A 133 10.28 7.39 14.82
CA SER A 133 9.70 7.83 16.08
C SER A 133 8.86 9.11 15.96
N THR A 134 9.08 9.91 14.93
CA THR A 134 8.31 11.14 14.72
C THR A 134 7.53 11.16 13.41
N ALA A 135 7.38 10.01 12.76
CA ALA A 135 6.57 9.94 11.56
C ALA A 135 5.12 10.36 11.84
N THR A 136 4.48 10.88 10.80
CA THR A 136 3.09 11.28 10.85
C THR A 136 2.32 10.44 9.82
N LYS A 137 1.02 10.66 9.70
CA LYS A 137 0.25 9.95 8.71
CA LYS A 137 0.22 9.96 8.70
C LYS A 137 0.64 10.31 7.29
N THR A 138 1.25 11.48 7.10
CA THR A 138 1.56 12.00 5.78
C THR A 138 3.04 12.04 5.41
N SER A 139 3.93 11.93 6.40
CA SER A 139 5.36 12.05 6.10
C SER A 139 6.25 11.42 7.14
N ILE A 140 7.51 11.24 6.77
CA ILE A 140 8.54 10.79 7.69
C ILE A 140 9.85 11.50 7.35
N LYS A 141 10.56 11.96 8.38
CA LYS A 141 11.86 12.59 8.16
C LYS A 141 12.87 11.57 7.69
N THR A 142 13.52 11.87 6.58
CA THR A 142 14.39 10.94 5.88
C THR A 142 15.66 11.67 5.46
N GLY A 143 16.81 11.00 5.64
CA GLY A 143 18.06 11.60 5.24
C GLY A 143 19.07 10.59 4.72
N ALA A 144 20.07 11.14 4.05
CA ALA A 144 21.19 10.39 3.49
C ALA A 144 22.44 10.82 4.22
N ALA A 145 22.93 9.99 5.13
CA ALA A 145 24.06 10.33 5.98
C ALA A 145 25.40 9.97 5.36
N GLN A 146 26.36 10.89 5.49
CA GLN A 146 27.74 10.65 5.09
C GLN A 146 28.48 10.02 6.26
N VAL A 147 29.37 9.08 5.95
CA VAL A 147 30.22 8.49 6.96
C VAL A 147 31.03 9.63 7.57
N GLY A 148 30.92 9.81 8.87
CA GLY A 148 31.76 10.76 9.56
C GLY A 148 31.20 12.17 9.64
N ALA A 149 30.21 12.45 8.81
CA ALA A 149 29.79 13.84 8.65
C ALA A 149 28.28 13.88 8.72
N SER A 150 27.66 14.84 8.04
CA SER A 150 26.28 15.14 8.29
C SER A 150 25.43 14.60 7.16
N TRP A 151 24.31 15.25 6.98
CA TRP A 151 23.38 14.90 5.94
C TRP A 151 23.87 15.40 4.60
N LEU A 152 23.63 14.61 3.55
CA LEU A 152 24.00 14.95 2.19
C LEU A 152 22.76 15.23 1.38
N SER A 153 22.79 16.29 0.58
CA SER A 153 21.68 16.62 -0.30
CA SER A 153 21.71 16.67 -0.31
C SER A 153 21.85 16.01 -1.68
N GLY A 154 20.74 15.85 -2.37
CA GLY A 154 20.71 15.44 -3.76
C GLY A 154 20.88 13.97 -4.01
N LYS A 155 20.79 13.15 -2.96
CA LYS A 155 20.88 11.71 -3.12
C LYS A 155 19.51 11.12 -3.38
N LYS A 156 19.44 10.23 -4.36
CA LYS A 156 18.19 9.56 -4.68
C LYS A 156 18.10 8.28 -3.88
N ILE A 157 16.94 8.09 -3.28
CA ILE A 157 16.69 6.94 -2.41
C ILE A 157 15.41 6.24 -2.86
N SER A 158 15.51 4.96 -3.19
CA SER A 158 14.31 4.18 -3.49
C SER A 158 13.88 3.50 -2.20
N TRP A 159 12.59 3.60 -1.89
CA TRP A 159 12.08 3.13 -0.63
C TRP A 159 10.81 2.30 -0.83
N ILE A 160 10.53 1.47 0.16
CA ILE A 160 9.32 0.66 0.23
C ILE A 160 8.82 0.72 1.66
N ALA A 161 7.52 0.91 1.83
CA ALA A 161 6.90 1.04 3.14
C ALA A 161 5.62 0.21 3.24
N ILE A 162 5.24 -0.07 4.48
CA ILE A 162 3.93 -0.69 4.74
C ILE A 162 3.32 -0.02 5.95
N GLY A 163 2.01 0.13 5.90
CA GLY A 163 1.25 0.70 7.00
C GLY A 163 -0.23 0.50 6.78
N TYR A 164 -1.06 1.26 7.48
CA TYR A 164 -2.51 1.13 7.32
C TYR A 164 -3.23 2.38 7.77
#